data_4QJ6
#
_entry.id   4QJ6
#
_cell.length_a   51.375
_cell.length_b   59.759
_cell.length_c   60.593
_cell.angle_alpha   90.00
_cell.angle_beta   99.18
_cell.angle_gamma   90.00
#
_symmetry.space_group_name_H-M   'P 1 21 1'
#
loop_
_entity.id
_entity.type
_entity.pdbx_description
1 polymer Protease
2 polymer 'p1-p6 peptide'
3 non-polymer 'SULFATE ION'
4 water water
#
loop_
_entity_poly.entity_id
_entity_poly.type
_entity_poly.pdbx_seq_one_letter_code
_entity_poly.pdbx_strand_id
1 'polypeptide(L)'
;PQITLWKRPLVTIRIGGQLKEALLNTGADDTVLEEMNLPGKWKPKMIGGVGGFIKVRQYDQIPIEICGHKVIGTVLVGPT
PVNIIGRNLLTQIGCTLNF
;
A,B,C,D
2 'polypeptide(L)' RPGNFFQSRP E,F
#
# COMPACT_ATOMS: atom_id res chain seq x y z
N PRO A 1 0.25 10.80 13.64
CA PRO A 1 -0.91 10.82 14.50
C PRO A 1 -1.82 9.62 14.29
N GLN A 2 -2.77 9.44 15.20
CA GLN A 2 -3.77 8.39 15.12
C GLN A 2 -5.14 9.04 15.00
N ILE A 3 -5.59 9.20 13.77
CA ILE A 3 -6.78 9.98 13.49
C ILE A 3 -8.01 9.13 13.78
N THR A 4 -8.85 9.65 14.66
CA THR A 4 -10.11 9.02 15.01
C THR A 4 -11.15 9.39 13.96
N LEU A 5 -12.27 8.68 14.00
CA LEU A 5 -13.24 8.76 12.92
C LEU A 5 -14.60 9.24 13.39
N TRP A 6 -14.57 9.93 14.52
CA TRP A 6 -15.79 10.52 15.05
C TRP A 6 -16.37 11.59 14.12
N LYS A 7 -15.52 12.24 13.36
CA LYS A 7 -15.94 13.19 12.36
C LYS A 7 -15.17 12.87 11.07
N ARG A 8 -15.55 13.50 9.98
CA ARG A 8 -14.81 13.29 8.73
C ARG A 8 -13.32 13.61 8.89
N PRO A 9 -12.43 12.72 8.41
CA PRO A 9 -11.00 12.97 8.55
C PRO A 9 -10.51 13.96 7.49
N LEU A 10 -10.83 15.23 7.74
CA LEU A 10 -10.43 16.31 6.89
C LEU A 10 -9.11 16.87 7.37
N VAL A 11 -8.23 17.12 6.42
CA VAL A 11 -6.93 17.69 6.71
C VAL A 11 -6.57 18.77 5.72
N THR A 12 -5.64 19.63 6.08
N THR A 12 -5.58 19.56 6.10
CA THR A 12 -5.22 20.67 5.17
CA THR A 12 -5.04 20.56 5.24
C THR A 12 -4.08 20.10 4.31
C THR A 12 -4.12 19.89 4.25
N ILE A 13 -4.19 20.33 3.00
CA ILE A 13 -3.17 19.96 2.06
C ILE A 13 -2.65 21.23 1.45
N ARG A 14 -1.44 21.15 0.91
N ARG A 14 -1.42 21.18 0.95
CA ARG A 14 -0.84 22.25 0.17
CA ARG A 14 -0.85 22.27 0.18
C ARG A 14 -0.37 21.73 -1.17
C ARG A 14 -0.39 21.73 -1.16
N ILE A 15 -0.83 22.38 -2.23
CA ILE A 15 -0.49 22.00 -3.59
C ILE A 15 -0.27 23.23 -4.47
N GLY A 16 0.88 23.30 -5.12
CA GLY A 16 1.21 24.46 -5.93
C GLY A 16 1.08 25.78 -5.17
N GLY A 17 1.39 25.76 -3.88
CA GLY A 17 1.24 26.93 -3.03
C GLY A 17 -0.15 27.29 -2.56
N GLN A 18 -1.13 26.44 -2.86
CA GLN A 18 -2.51 26.68 -2.47
C GLN A 18 -2.91 25.78 -1.32
N LEU A 19 -3.57 26.34 -0.32
N LEU A 19 -3.57 26.36 -0.32
CA LEU A 19 -4.06 25.60 0.82
CA LEU A 19 -4.12 25.61 0.81
C LEU A 19 -5.47 25.10 0.51
C LEU A 19 -5.47 25.08 0.45
N LYS A 20 -5.69 23.79 0.70
CA LYS A 20 -7.00 23.19 0.46
C LYS A 20 -7.32 22.25 1.60
N GLU A 21 -8.59 21.90 1.73
CA GLU A 21 -9.03 20.90 2.70
C GLU A 21 -9.36 19.64 1.92
N ALA A 22 -8.94 18.49 2.42
CA ALA A 22 -9.18 17.23 1.73
C ALA A 22 -9.50 16.11 2.72
N LEU A 23 -10.23 15.12 2.22
CA LEU A 23 -10.71 13.98 3.00
C LEU A 23 -9.77 12.79 2.84
N LEU A 24 -9.28 12.23 3.94
CA LEU A 24 -8.46 11.01 3.92
C LEU A 24 -9.40 9.85 3.70
N ASN A 25 -9.31 9.23 2.53
CA ASN A 25 -10.33 8.29 2.09
C ASN A 25 -9.78 6.91 1.74
N THR A 26 -9.79 5.99 2.69
CA THR A 26 -9.33 4.65 2.45
C THR A 26 -10.21 3.88 1.44
N GLY A 27 -11.42 4.40 1.15
CA GLY A 27 -12.29 3.84 0.10
C GLY A 27 -12.05 4.37 -1.28
N ALA A 28 -10.98 5.14 -1.46
CA ALA A 28 -10.61 5.62 -2.81
C ALA A 28 -9.25 5.04 -3.22
N ASP A 29 -9.21 4.45 -4.42
CA ASP A 29 -7.94 3.97 -4.99
C ASP A 29 -7.01 5.15 -5.27
N ASP A 30 -7.60 6.26 -5.74
N ASP A 30 -7.60 6.26 -5.74
CA ASP A 30 -6.82 7.35 -6.27
CA ASP A 30 -6.86 7.38 -6.29
C ASP A 30 -7.25 8.67 -5.63
C ASP A 30 -7.24 8.66 -5.60
N THR A 31 -6.39 9.67 -5.76
CA THR A 31 -6.61 11.02 -5.25
C THR A 31 -7.27 11.90 -6.31
N VAL A 32 -8.33 12.59 -5.93
CA VAL A 32 -9.03 13.47 -6.86
C VAL A 32 -9.39 14.76 -6.18
N LEU A 33 -9.03 15.86 -6.83
CA LEU A 33 -9.24 17.18 -6.33
C LEU A 33 -10.24 17.89 -7.21
N GLU A 34 -10.96 18.82 -6.60
CA GLU A 34 -11.85 19.72 -7.34
C GLU A 34 -11.07 20.50 -8.37
N GLU A 35 -11.77 21.00 -9.39
N GLU A 35 -11.78 21.01 -9.37
CA GLU A 35 -11.15 21.68 -10.52
CA GLU A 35 -11.17 21.71 -10.50
C GLU A 35 -10.12 22.69 -10.07
C GLU A 35 -10.11 22.70 -10.06
N MET A 36 -8.93 22.57 -10.66
N MET A 36 -8.95 22.58 -10.66
CA MET A 36 -7.86 23.52 -10.47
CA MET A 36 -7.88 23.51 -10.46
C MET A 36 -6.93 23.42 -11.65
C MET A 36 -6.93 23.39 -11.64
N ASN A 37 -6.02 24.38 -11.76
N ASN A 37 -6.01 24.33 -11.74
CA ASN A 37 -4.99 24.34 -12.78
CA ASN A 37 -5.01 24.27 -12.77
C ASN A 37 -3.80 23.60 -12.20
C ASN A 37 -3.79 23.58 -12.21
N LEU A 38 -3.27 22.66 -12.97
N LEU A 38 -3.26 22.64 -12.96
CA LEU A 38 -2.02 22.04 -12.61
CA LEU A 38 -2.00 22.04 -12.60
C LEU A 38 -1.13 22.07 -13.84
C LEU A 38 -1.13 22.07 -13.83
N PRO A 39 0.20 22.06 -13.63
CA PRO A 39 1.10 22.14 -14.76
C PRO A 39 1.32 20.78 -15.41
N GLY A 40 1.65 20.80 -16.69
CA GLY A 40 2.14 19.62 -17.38
C GLY A 40 1.08 18.88 -18.16
N LYS A 41 1.48 17.73 -18.66
CA LYS A 41 0.65 16.91 -19.50
C LYS A 41 -0.42 16.28 -18.67
N TRP A 42 -1.57 16.01 -19.27
CA TRP A 42 -2.58 15.25 -18.59
C TRP A 42 -3.31 14.36 -19.56
N LYS A 43 -3.98 13.35 -19.00
CA LYS A 43 -4.76 12.38 -19.75
C LYS A 43 -6.18 12.36 -19.18
N PRO A 44 -7.20 12.29 -20.04
CA PRO A 44 -8.58 12.12 -19.59
C PRO A 44 -8.80 10.70 -19.05
N LYS A 45 -9.63 10.58 -18.01
CA LYS A 45 -9.91 9.30 -17.37
C LYS A 45 -11.31 9.32 -16.77
N MET A 46 -11.94 8.15 -16.65
CA MET A 46 -13.24 8.02 -15.99
C MET A 46 -13.03 7.32 -14.65
N ILE A 47 -13.54 7.92 -13.57
CA ILE A 47 -13.52 7.28 -12.28
C ILE A 47 -14.94 7.14 -11.77
N GLY A 48 -15.14 6.10 -11.01
CA GLY A 48 -16.47 5.73 -10.59
C GLY A 48 -16.60 5.46 -9.13
N GLY A 49 -17.83 5.52 -8.66
N GLY A 49 -17.83 5.51 -8.67
CA GLY A 49 -18.14 5.10 -7.31
CA GLY A 49 -18.14 5.16 -7.32
C GLY A 49 -19.64 5.12 -7.09
C GLY A 49 -19.63 5.14 -7.10
N VAL A 50 -20.05 5.41 -5.86
N VAL A 50 -20.04 5.48 -5.89
CA VAL A 50 -21.45 5.58 -5.59
CA VAL A 50 -21.40 5.34 -5.51
C VAL A 50 -21.98 6.69 -6.46
C VAL A 50 -22.44 5.75 -6.52
N GLY A 51 -23.07 6.41 -7.19
N GLY A 51 -22.38 6.94 -6.96
CA GLY A 51 -23.66 7.44 -8.06
CA GLY A 51 -23.42 7.47 -7.87
C GLY A 51 -23.17 7.41 -9.50
C GLY A 51 -23.08 7.40 -9.35
N GLY A 52 -22.21 6.55 -9.79
N GLY A 52 -22.09 6.59 -9.71
N GLY A 52 -22.06 6.51 -9.73
CA GLY A 52 -21.71 6.40 -11.16
CA GLY A 52 -21.70 6.44 -11.10
CA GLY A 52 -21.71 6.41 -11.13
C GLY A 52 -20.36 7.05 -11.37
C GLY A 52 -20.33 7.04 -11.37
C GLY A 52 -20.34 7.01 -11.38
N PHE A 53 -20.10 7.42 -12.62
CA PHE A 53 -18.78 7.91 -13.03
C PHE A 53 -18.74 9.39 -13.32
N ILE A 54 -17.53 9.93 -13.17
CA ILE A 54 -17.19 11.28 -13.62
C ILE A 54 -15.91 11.24 -14.45
N LYS A 55 -15.76 12.22 -15.33
CA LYS A 55 -14.59 12.37 -16.15
C LYS A 55 -13.63 13.32 -15.44
N VAL A 56 -12.36 12.92 -15.40
CA VAL A 56 -11.33 13.72 -14.73
C VAL A 56 -10.09 13.83 -15.62
N ARG A 57 -9.18 14.71 -15.22
CA ARG A 57 -7.89 14.87 -15.88
C ARG A 57 -6.81 14.28 -14.96
N GLN A 58 -5.95 13.42 -15.50
CA GLN A 58 -4.90 12.76 -14.73
C GLN A 58 -3.56 13.43 -14.96
N TYR A 59 -2.98 13.96 -13.88
CA TYR A 59 -1.64 14.56 -13.89
C TYR A 59 -0.69 13.66 -13.10
N ASP A 60 0.53 13.49 -13.59
CA ASP A 60 1.47 12.59 -12.93
C ASP A 60 2.54 13.36 -12.17
N GLN A 61 3.09 12.73 -11.14
CA GLN A 61 4.23 13.27 -10.39
C GLN A 61 4.01 14.70 -9.88
N ILE A 62 2.89 14.90 -9.20
CA ILE A 62 2.54 16.19 -8.65
C ILE A 62 2.88 16.19 -7.17
N PRO A 63 3.67 17.20 -6.74
CA PRO A 63 4.00 17.27 -5.33
C PRO A 63 2.86 17.86 -4.55
N ILE A 64 2.61 17.30 -3.38
N ILE A 64 2.52 17.23 -3.43
CA ILE A 64 1.52 17.72 -2.56
CA ILE A 64 1.54 17.73 -2.47
C ILE A 64 1.94 17.45 -1.11
C ILE A 64 2.05 17.53 -1.07
N GLU A 65 1.66 18.40 -0.24
N GLU A 65 1.71 18.44 -0.18
CA GLU A 65 2.00 18.26 1.17
CA GLU A 65 2.03 18.30 1.21
C GLU A 65 0.73 17.96 1.96
C GLU A 65 0.75 17.98 1.99
N ILE A 66 0.75 16.86 2.70
CA ILE A 66 -0.44 16.36 3.41
C ILE A 66 -0.05 16.18 4.86
N CYS A 67 -0.65 16.96 5.75
CA CYS A 67 -0.28 16.95 7.16
C CYS A 67 1.20 17.08 7.36
N GLY A 68 1.83 17.91 6.55
CA GLY A 68 3.25 18.16 6.68
C GLY A 68 4.14 17.14 6.01
N HIS A 69 3.56 16.07 5.47
CA HIS A 69 4.33 15.08 4.70
C HIS A 69 4.37 15.50 3.24
N LYS A 70 5.58 15.68 2.71
CA LYS A 70 5.76 16.04 1.32
C LYS A 70 5.84 14.79 0.43
N VAL A 71 4.79 14.57 -0.35
CA VAL A 71 4.71 13.40 -1.21
C VAL A 71 4.54 13.82 -2.66
N ILE A 72 4.57 12.85 -3.56
CA ILE A 72 4.55 13.13 -5.00
C ILE A 72 3.85 11.98 -5.69
N GLY A 73 2.84 12.24 -6.48
CA GLY A 73 2.16 11.14 -7.15
C GLY A 73 1.10 11.63 -8.08
N THR A 74 0.28 10.70 -8.53
CA THR A 74 -0.76 11.00 -9.49
C THR A 74 -1.88 11.75 -8.80
N VAL A 75 -2.33 12.82 -9.45
CA VAL A 75 -3.44 13.63 -8.96
C VAL A 75 -4.47 13.77 -10.08
N LEU A 76 -5.70 13.35 -9.78
CA LEU A 76 -6.81 13.54 -10.71
C LEU A 76 -7.54 14.82 -10.34
N VAL A 77 -8.08 15.48 -11.35
CA VAL A 77 -8.76 16.76 -11.16
C VAL A 77 -10.10 16.69 -11.88
N GLY A 78 -11.17 16.97 -11.18
CA GLY A 78 -12.47 16.93 -11.80
C GLY A 78 -13.57 17.15 -10.81
N PRO A 79 -14.82 16.85 -11.22
CA PRO A 79 -15.97 17.29 -10.43
C PRO A 79 -16.35 16.39 -9.28
N THR A 80 -15.38 16.12 -8.42
CA THR A 80 -15.61 15.44 -7.17
C THR A 80 -16.30 16.39 -6.20
N PRO A 81 -17.21 15.86 -5.35
CA PRO A 81 -17.93 16.71 -4.41
C PRO A 81 -17.05 17.29 -3.31
N VAL A 82 -15.95 16.60 -2.99
N VAL A 82 -15.93 16.63 -3.05
CA VAL A 82 -14.99 17.07 -2.02
CA VAL A 82 -14.99 17.06 -2.03
C VAL A 82 -13.62 16.63 -2.51
C VAL A 82 -13.61 16.61 -2.49
N ASN A 83 -12.57 17.34 -2.11
CA ASN A 83 -11.20 16.91 -2.37
C ASN A 83 -10.94 15.63 -1.59
N ILE A 84 -10.39 14.63 -2.29
CA ILE A 84 -10.20 13.28 -1.76
C ILE A 84 -8.75 12.85 -1.89
N ILE A 85 -8.15 12.43 -0.77
CA ILE A 85 -6.83 11.81 -0.78
C ILE A 85 -7.06 10.29 -0.73
N GLY A 86 -6.69 9.61 -1.81
CA GLY A 86 -6.88 8.18 -1.94
C GLY A 86 -5.64 7.40 -1.60
N ARG A 87 -5.74 6.09 -1.73
CA ARG A 87 -4.69 5.20 -1.24
C ARG A 87 -3.35 5.43 -1.90
N ASN A 88 -3.33 5.90 -3.14
CA ASN A 88 -2.03 6.12 -3.78
C ASN A 88 -1.14 7.08 -2.97
N LEU A 89 -1.76 8.05 -2.32
CA LEU A 89 -1.04 9.01 -1.46
C LEU A 89 -1.12 8.68 0.04
N LEU A 90 -2.19 8.02 0.49
CA LEU A 90 -2.24 7.62 1.89
C LEU A 90 -1.09 6.68 2.18
N THR A 91 -0.78 5.79 1.24
CA THR A 91 0.35 4.91 1.45
C THR A 91 1.64 5.71 1.61
N GLN A 92 1.82 6.73 0.79
CA GLN A 92 3.06 7.51 0.83
C GLN A 92 3.27 8.26 2.14
N ILE A 93 2.18 8.71 2.77
CA ILE A 93 2.31 9.37 4.07
C ILE A 93 2.46 8.37 5.21
N GLY A 94 2.32 7.09 4.91
CA GLY A 94 2.52 6.00 5.87
C GLY A 94 1.28 5.50 6.58
N CYS A 95 0.11 5.72 5.99
CA CYS A 95 -1.17 5.38 6.62
C CYS A 95 -1.45 3.92 6.74
N THR A 96 -1.92 3.52 7.91
CA THR A 96 -2.53 2.21 8.10
C THR A 96 -3.87 2.38 8.79
N LEU A 97 -4.73 1.39 8.65
CA LEU A 97 -5.91 1.25 9.49
C LEU A 97 -5.58 0.35 10.67
N ASN A 98 -6.03 0.75 11.85
CA ASN A 98 -5.67 0.06 13.09
C ASN A 98 -6.88 -0.13 13.98
N PHE A 99 -7.09 -1.35 14.44
CA PHE A 99 -8.09 -1.59 15.47
C PHE A 99 -7.82 -2.91 16.16
N PRO B 1 -5.56 -5.55 14.68
CA PRO B 1 -4.77 -5.69 13.48
C PRO B 1 -4.38 -4.33 12.89
N GLN B 2 -3.33 -4.33 12.09
CA GLN B 2 -2.89 -3.16 11.37
C GLN B 2 -2.97 -3.54 9.92
N ILE B 3 -3.66 -2.69 9.16
N ILE B 3 -3.63 -2.78 9.08
CA ILE B 3 -3.99 -2.92 7.76
CA ILE B 3 -3.50 -3.10 7.67
C ILE B 3 -3.32 -1.88 6.90
C ILE B 3 -3.05 -1.93 6.85
N THR B 4 -2.57 -2.37 5.92
N THR B 4 -2.27 -2.30 5.86
CA THR B 4 -1.86 -1.56 4.96
CA THR B 4 -1.72 -1.44 4.88
C THR B 4 -2.82 -1.03 3.88
C THR B 4 -2.79 -0.99 3.91
N LEU B 5 -2.44 0.00 3.12
CA LEU B 5 -3.35 0.52 2.10
C LEU B 5 -2.79 0.36 0.69
N TRP B 6 -1.82 -0.54 0.52
CA TRP B 6 -1.32 -0.84 -0.81
C TRP B 6 -2.40 -1.53 -1.66
N LYS B 7 -3.27 -2.29 -1.03
CA LYS B 7 -4.46 -2.85 -1.66
C LYS B 7 -5.71 -2.32 -0.97
N ARG B 8 -6.85 -2.51 -1.59
CA ARG B 8 -8.10 -2.16 -0.95
C ARG B 8 -8.25 -2.85 0.42
N PRO B 9 -8.71 -2.10 1.44
CA PRO B 9 -8.89 -2.69 2.76
C PRO B 9 -10.22 -3.45 2.88
N LEU B 10 -10.22 -4.63 2.31
CA LEU B 10 -11.38 -5.49 2.24
C LEU B 10 -11.36 -6.48 3.38
N VAL B 11 -12.51 -6.65 4.01
CA VAL B 11 -12.67 -7.63 5.09
C VAL B 11 -13.94 -8.43 4.90
N THR B 12 -14.01 -9.58 5.55
CA THR B 12 -15.24 -10.34 5.61
C THR B 12 -16.12 -9.85 6.76
N ILE B 13 -17.39 -9.62 6.45
CA ILE B 13 -18.39 -9.30 7.44
C ILE B 13 -19.43 -10.39 7.48
N ARG B 14 -20.12 -10.48 8.60
N ARG B 14 -20.08 -10.54 8.62
CA ARG B 14 -21.21 -11.43 8.78
CA ARG B 14 -21.22 -11.45 8.72
C ARG B 14 -22.43 -10.66 9.21
C ARG B 14 -22.43 -10.66 9.19
N ILE B 15 -23.50 -10.75 8.42
CA ILE B 15 -24.75 -10.06 8.71
C ILE B 15 -25.91 -11.02 8.41
N GLY B 16 -26.80 -11.20 9.36
CA GLY B 16 -27.96 -12.07 9.16
C GLY B 16 -27.59 -13.49 8.77
N GLY B 17 -26.41 -13.94 9.21
CA GLY B 17 -25.88 -15.22 8.79
C GLY B 17 -25.27 -15.31 7.39
N GLN B 18 -25.30 -14.21 6.63
CA GLN B 18 -24.63 -14.12 5.30
C GLN B 18 -23.19 -13.62 5.50
N LEU B 19 -22.23 -14.23 4.82
CA LEU B 19 -20.86 -13.73 4.69
C LEU B 19 -20.73 -12.82 3.49
N LYS B 20 -20.14 -11.64 3.67
CA LYS B 20 -19.95 -10.70 2.57
C LYS B 20 -18.58 -10.08 2.67
N GLU B 21 -18.08 -9.60 1.54
N GLU B 21 -18.05 -9.62 1.54
CA GLU B 21 -16.85 -8.84 1.50
CA GLU B 21 -16.82 -8.84 1.58
C GLU B 21 -17.20 -7.35 1.57
C GLU B 21 -17.19 -7.37 1.59
N ALA B 22 -16.47 -6.60 2.40
CA ALA B 22 -16.73 -5.16 2.55
C ALA B 22 -15.47 -4.36 2.68
N LEU B 23 -15.59 -3.11 2.29
CA LEU B 23 -14.46 -2.17 2.25
C LEU B 23 -14.48 -1.25 3.46
N LEU B 24 -13.38 -1.21 4.20
CA LEU B 24 -13.23 -0.30 5.35
C LEU B 24 -12.97 1.10 4.82
N ASN B 25 -13.94 2.00 5.01
CA ASN B 25 -13.98 3.21 4.22
C ASN B 25 -14.07 4.48 5.07
N THR B 26 -12.92 5.12 5.30
CA THR B 26 -12.90 6.33 6.11
C THR B 26 -13.55 7.50 5.39
N GLY B 27 -13.75 7.35 4.08
CA GLY B 27 -14.42 8.37 3.29
C GLY B 27 -15.93 8.25 3.20
N ALA B 28 -16.53 7.39 4.01
CA ALA B 28 -17.96 7.21 4.04
C ALA B 28 -18.49 7.56 5.42
N ASP B 29 -19.50 8.41 5.49
CA ASP B 29 -20.14 8.70 6.76
C ASP B 29 -20.84 7.44 7.30
N ASP B 30 -21.45 6.68 6.41
CA ASP B 30 -22.37 5.63 6.73
C ASP B 30 -21.92 4.30 6.11
N THR B 31 -22.53 3.22 6.58
CA THR B 31 -22.31 1.87 6.09
C THR B 31 -23.39 1.58 5.08
N VAL B 32 -22.97 1.14 3.90
CA VAL B 32 -23.90 0.92 2.78
C VAL B 32 -23.65 -0.46 2.22
N LEU B 33 -24.67 -1.29 2.21
CA LEU B 33 -24.57 -2.64 1.65
C LEU B 33 -25.33 -2.77 0.35
N GLU B 34 -24.82 -3.62 -0.54
N GLU B 34 -24.83 -3.62 -0.53
CA GLU B 34 -25.51 -3.98 -1.77
CA GLU B 34 -25.52 -3.97 -1.76
C GLU B 34 -26.90 -4.51 -1.46
C GLU B 34 -26.89 -4.55 -1.47
N GLU B 35 -27.79 -4.38 -2.44
N GLU B 35 -27.77 -4.44 -2.47
CA GLU B 35 -29.19 -4.72 -2.22
CA GLU B 35 -29.14 -4.87 -2.31
C GLU B 35 -29.32 -6.13 -1.63
C GLU B 35 -29.23 -6.22 -1.60
N MET B 36 -30.12 -6.22 -0.59
N MET B 36 -30.09 -6.27 -0.61
CA MET B 36 -30.31 -7.43 0.19
CA MET B 36 -30.30 -7.45 0.20
C MET B 36 -31.57 -7.24 1.00
C MET B 36 -31.56 -7.25 1.01
N ASN B 37 -32.07 -8.33 1.59
CA ASN B 37 -33.27 -8.26 2.41
C ASN B 37 -32.90 -8.19 3.88
N LEU B 38 -33.41 -7.18 4.58
N LEU B 38 -33.41 -7.18 4.58
CA LEU B 38 -33.28 -7.08 6.03
CA LEU B 38 -33.27 -7.07 6.02
C LEU B 38 -34.66 -7.00 6.64
C LEU B 38 -34.66 -7.00 6.64
N PRO B 39 -34.83 -7.61 7.83
CA PRO B 39 -36.13 -7.52 8.53
C PRO B 39 -36.40 -6.19 9.22
N GLY B 40 -37.68 -5.87 9.34
CA GLY B 40 -38.14 -4.79 10.20
C GLY B 40 -38.36 -3.45 9.55
N LYS B 41 -38.39 -2.41 10.37
N LYS B 41 -38.40 -2.41 10.38
CA LYS B 41 -38.69 -1.07 9.92
CA LYS B 41 -38.68 -1.05 9.94
C LYS B 41 -37.52 -0.41 9.21
C LYS B 41 -37.52 -0.41 9.22
N TRP B 42 -37.85 0.44 8.26
CA TRP B 42 -36.86 1.17 7.48
C TRP B 42 -37.44 2.51 7.04
N LYS B 43 -36.55 3.40 6.61
N LYS B 43 -36.58 3.41 6.62
CA LYS B 43 -36.94 4.70 6.05
CA LYS B 43 -37.01 4.65 6.01
C LYS B 43 -36.09 4.91 4.80
C LYS B 43 -36.10 4.95 4.83
N PRO B 44 -36.64 5.60 3.79
CA PRO B 44 -35.82 5.91 2.59
C PRO B 44 -34.90 7.10 2.84
N LYS B 45 -33.70 7.05 2.26
CA LYS B 45 -32.80 8.18 2.32
C LYS B 45 -32.06 8.32 1.01
N MET B 46 -31.59 9.53 0.74
N MET B 46 -31.58 9.53 0.74
CA MET B 46 -30.76 9.81 -0.43
CA MET B 46 -30.76 9.79 -0.42
C MET B 46 -29.34 10.06 0.07
C MET B 46 -29.34 10.07 0.07
N ILE B 47 -28.38 9.32 -0.46
CA ILE B 47 -26.97 9.56 -0.12
C ILE B 47 -26.18 9.96 -1.35
N GLY B 48 -25.06 10.63 -1.12
CA GLY B 48 -24.23 11.06 -2.21
C GLY B 48 -22.92 10.33 -2.27
N GLY B 49 -22.36 10.33 -3.47
N GLY B 49 -22.33 10.34 -3.47
CA GLY B 49 -21.06 9.76 -3.71
CA GLY B 49 -20.99 9.84 -3.66
C GLY B 49 -20.36 10.53 -4.82
C GLY B 49 -20.33 10.59 -4.80
N VAL B 50 -19.28 9.94 -5.30
N VAL B 50 -19.18 10.10 -5.23
CA VAL B 50 -18.43 10.61 -6.24
CA VAL B 50 -18.63 10.55 -6.47
C VAL B 50 -19.15 10.92 -7.55
C VAL B 50 -19.60 10.04 -7.52
N GLY B 51 -20.15 10.11 -7.90
N GLY B 51 -19.95 10.89 -8.47
CA GLY B 51 -20.79 10.23 -9.22
CA GLY B 51 -20.85 10.46 -9.53
C GLY B 51 -22.16 10.85 -9.21
C GLY B 51 -22.28 10.91 -9.34
N GLY B 52 -22.69 11.13 -8.03
N GLY B 52 -22.69 11.17 -8.11
CA GLY B 52 -24.06 11.61 -7.91
CA GLY B 52 -24.06 11.63 -7.89
C GLY B 52 -24.70 11.00 -6.68
C GLY B 52 -24.69 10.99 -6.68
N PHE B 53 -26.00 10.75 -6.75
CA PHE B 53 -26.76 10.30 -5.60
C PHE B 53 -27.45 9.01 -5.87
N ILE B 54 -27.72 8.25 -4.79
CA ILE B 54 -28.48 7.02 -4.85
C ILE B 54 -29.50 6.95 -3.71
N LYS B 55 -30.59 6.24 -3.97
CA LYS B 55 -31.65 6.01 -2.99
C LYS B 55 -31.25 4.76 -2.18
N VAL B 56 -31.44 4.81 -0.88
CA VAL B 56 -31.19 3.65 -0.04
C VAL B 56 -32.36 3.48 0.94
N ARG B 57 -32.41 2.32 1.56
CA ARG B 57 -33.26 2.06 2.70
C ARG B 57 -32.38 2.07 3.94
N GLN B 58 -32.80 2.79 4.95
CA GLN B 58 -32.09 2.86 6.24
C GLN B 58 -32.70 1.95 7.29
N TYR B 59 -31.91 1.00 7.80
CA TYR B 59 -32.30 0.09 8.87
C TYR B 59 -31.46 0.39 10.10
N ASP B 60 -32.11 0.53 11.26
CA ASP B 60 -31.39 0.88 12.49
C ASP B 60 -31.16 -0.34 13.39
N GLN B 61 -30.12 -0.25 14.22
CA GLN B 61 -29.80 -1.26 15.24
C GLN B 61 -29.72 -2.69 14.65
N ILE B 62 -28.94 -2.79 13.60
CA ILE B 62 -28.67 -4.06 12.94
C ILE B 62 -27.35 -4.63 13.45
N PRO B 63 -27.36 -5.90 13.90
CA PRO B 63 -26.09 -6.49 14.29
C PRO B 63 -25.24 -6.98 13.12
N ILE B 64 -23.95 -6.67 13.16
CA ILE B 64 -23.00 -7.14 12.13
C ILE B 64 -21.71 -7.51 12.84
N GLU B 65 -21.06 -8.56 12.39
CA GLU B 65 -19.73 -8.89 12.88
C GLU B 65 -18.68 -8.48 11.84
N ILE B 66 -17.72 -7.65 12.26
CA ILE B 66 -16.67 -7.13 11.37
C ILE B 66 -15.30 -7.48 11.96
N CYS B 67 -14.55 -8.34 11.28
CA CYS B 67 -13.27 -8.84 11.79
C CYS B 67 -13.34 -9.28 13.24
N GLY B 68 -14.36 -10.03 13.59
CA GLY B 68 -14.51 -10.56 14.93
C GLY B 68 -14.99 -9.57 15.97
N HIS B 69 -15.36 -8.36 15.54
CA HIS B 69 -15.99 -7.38 16.41
C HIS B 69 -17.48 -7.37 16.14
N LYS B 70 -18.28 -7.57 17.18
CA LYS B 70 -19.71 -7.47 17.04
C LYS B 70 -20.07 -5.99 17.19
N VAL B 71 -20.74 -5.43 16.18
CA VAL B 71 -21.23 -4.05 16.21
C VAL B 71 -22.74 -4.10 16.04
N ILE B 72 -23.43 -3.06 16.47
CA ILE B 72 -24.90 -2.93 16.33
C ILE B 72 -25.16 -1.51 15.94
N GLY B 73 -25.61 -1.29 14.70
CA GLY B 73 -25.90 0.08 14.29
C GLY B 73 -26.65 0.19 12.99
N THR B 74 -26.58 1.37 12.39
CA THR B 74 -27.37 1.68 11.20
C THR B 74 -26.70 1.15 9.94
N VAL B 75 -27.52 0.55 9.07
CA VAL B 75 -27.09 -0.02 7.82
C VAL B 75 -28.00 0.53 6.72
N LEU B 76 -27.38 1.06 5.68
CA LEU B 76 -28.09 1.53 4.51
C LEU B 76 -27.97 0.44 3.43
N VAL B 77 -29.05 0.21 2.69
CA VAL B 77 -29.08 -0.83 1.66
C VAL B 77 -29.50 -0.19 0.35
N GLY B 78 -28.70 -0.40 -0.69
CA GLY B 78 -28.98 0.19 -1.98
C GLY B 78 -27.95 -0.17 -3.01
N PRO B 79 -28.01 0.49 -4.17
CA PRO B 79 -27.16 0.10 -5.32
C PRO B 79 -25.73 0.62 -5.25
N THR B 80 -25.05 0.37 -4.14
CA THR B 80 -23.65 0.68 -4.04
C THR B 80 -22.82 -0.35 -4.84
N PRO B 81 -21.70 0.07 -5.47
CA PRO B 81 -20.91 -0.89 -6.26
C PRO B 81 -20.16 -1.89 -5.43
N VAL B 82 -19.90 -1.57 -4.17
CA VAL B 82 -19.23 -2.48 -3.24
C VAL B 82 -19.88 -2.26 -1.87
N ASN B 83 -19.85 -3.29 -1.03
CA ASN B 83 -20.26 -3.11 0.38
C ASN B 83 -19.25 -2.21 1.07
N ILE B 84 -19.74 -1.21 1.80
CA ILE B 84 -18.93 -0.17 2.42
C ILE B 84 -19.18 -0.16 3.90
N ILE B 85 -18.11 -0.31 4.69
CA ILE B 85 -18.16 -0.07 6.14
C ILE B 85 -17.72 1.37 6.39
N GLY B 86 -18.66 2.21 6.80
CA GLY B 86 -18.39 3.64 7.00
C GLY B 86 -18.10 3.97 8.44
N ARG B 87 -17.92 5.26 8.70
CA ARG B 87 -17.41 5.72 9.99
C ARG B 87 -18.35 5.35 11.12
N ASN B 88 -19.65 5.28 10.85
CA ASN B 88 -20.57 4.90 11.92
C ASN B 88 -20.23 3.58 12.57
N LEU B 89 -19.75 2.59 11.80
CA LEU B 89 -19.31 1.31 12.40
C LEU B 89 -17.80 1.22 12.62
N LEU B 90 -17.00 1.92 11.81
CA LEU B 90 -15.57 1.95 12.09
C LEU B 90 -15.28 2.46 13.50
N THR B 91 -16.05 3.44 13.95
CA THR B 91 -15.87 3.93 15.34
C THR B 91 -16.26 2.87 16.37
N GLN B 92 -17.26 2.05 16.07
CA GLN B 92 -17.64 1.01 17.01
C GLN B 92 -16.61 -0.10 17.13
N ILE B 93 -15.81 -0.35 16.08
CA ILE B 93 -14.73 -1.34 16.23
C ILE B 93 -13.40 -0.73 16.73
N GLY B 94 -13.39 0.57 16.98
CA GLY B 94 -12.20 1.26 17.49
C GLY B 94 -11.14 1.55 16.43
N CYS B 95 -11.56 1.70 15.20
CA CYS B 95 -10.65 1.88 14.09
C CYS B 95 -10.12 3.31 14.01
N THR B 96 -8.81 3.44 13.80
CA THR B 96 -8.18 4.73 13.61
C THR B 96 -7.33 4.66 12.36
N LEU B 97 -7.02 5.82 11.81
CA LEU B 97 -6.14 5.96 10.67
C LEU B 97 -4.82 6.50 11.21
N ASN B 98 -3.77 5.69 11.13
CA ASN B 98 -2.50 6.02 11.77
C ASN B 98 -1.41 6.30 10.75
N PHE B 99 -0.65 7.37 10.96
CA PHE B 99 0.55 7.61 10.15
C PHE B 99 1.54 8.46 10.93
N PRO C 1 16.18 -24.04 -11.09
CA PRO C 1 16.04 -22.94 -12.04
C PRO C 1 16.95 -21.76 -11.73
N GLN C 2 17.21 -20.96 -12.75
CA GLN C 2 17.87 -19.70 -12.61
C GLN C 2 16.86 -18.64 -12.98
N ILE C 3 16.66 -17.64 -12.14
N ILE C 3 16.72 -17.62 -12.14
CA ILE C 3 15.70 -16.61 -12.49
CA ILE C 3 15.74 -16.56 -12.31
C ILE C 3 16.39 -15.26 -12.61
C ILE C 3 16.44 -15.24 -12.60
N THR C 4 16.07 -14.55 -13.68
CA THR C 4 16.65 -13.25 -13.95
C THR C 4 15.84 -12.19 -13.22
N LEU C 5 16.34 -10.98 -13.26
CA LEU C 5 15.79 -9.90 -12.42
C LEU C 5 15.31 -8.70 -13.22
N TRP C 6 14.99 -8.90 -14.50
CA TRP C 6 14.42 -7.84 -15.32
C TRP C 6 13.04 -7.47 -14.79
N LYS C 7 12.32 -8.47 -14.27
CA LYS C 7 11.06 -8.25 -13.56
C LYS C 7 11.20 -8.64 -12.09
N ARG C 8 10.25 -8.26 -11.26
CA ARG C 8 10.28 -8.70 -9.87
C ARG C 8 10.24 -10.21 -9.76
N PRO C 9 11.04 -10.79 -8.87
CA PRO C 9 11.09 -12.25 -8.74
C PRO C 9 9.94 -12.76 -7.87
N LEU C 10 8.75 -12.77 -8.45
CA LEU C 10 7.54 -13.21 -7.76
C LEU C 10 7.32 -14.69 -7.98
N VAL C 11 6.89 -15.38 -6.93
CA VAL C 11 6.60 -16.80 -6.99
C VAL C 11 5.32 -17.06 -6.20
N THR C 12 4.71 -18.20 -6.49
CA THR C 12 3.58 -18.68 -5.71
C THR C 12 4.09 -19.44 -4.49
N ILE C 13 3.54 -19.11 -3.34
CA ILE C 13 3.84 -19.87 -2.15
C ILE C 13 2.54 -20.51 -1.67
N ARG C 14 2.69 -21.65 -0.99
CA ARG C 14 1.55 -22.38 -0.47
C ARG C 14 1.79 -22.56 1.02
N ILE C 15 0.86 -22.03 1.82
CA ILE C 15 0.96 -22.08 3.26
C ILE C 15 -0.41 -22.43 3.85
N GLY C 16 -0.51 -23.60 4.46
CA GLY C 16 -1.72 -24.04 5.17
C GLY C 16 -3.09 -23.96 4.46
N GLY C 17 -3.11 -24.29 3.17
CA GLY C 17 -4.34 -24.23 2.38
C GLY C 17 -4.51 -22.93 1.62
N GLN C 18 -3.56 -22.02 1.79
CA GLN C 18 -3.59 -20.71 1.14
C GLN C 18 -2.55 -20.63 0.01
N LEU C 19 -2.96 -20.10 -1.14
CA LEU C 19 -2.02 -19.75 -2.23
C LEU C 19 -1.76 -18.27 -2.18
N LYS C 20 -0.49 -17.86 -2.18
CA LYS C 20 -0.14 -16.42 -2.17
C LYS C 20 1.02 -16.14 -3.09
N GLU C 21 1.08 -14.90 -3.54
CA GLU C 21 2.17 -14.42 -4.34
C GLU C 21 3.19 -13.79 -3.40
N ALA C 22 4.47 -14.08 -3.61
CA ALA C 22 5.52 -13.52 -2.76
C ALA C 22 6.78 -13.21 -3.52
N LEU C 23 7.56 -12.31 -2.96
CA LEU C 23 8.77 -11.78 -3.58
C LEU C 23 10.03 -12.43 -2.98
N LEU C 24 10.88 -13.02 -3.81
CA LEU C 24 12.17 -13.57 -3.37
C LEU C 24 13.11 -12.39 -3.13
N ASN C 25 13.44 -12.16 -1.87
CA ASN C 25 14.04 -10.92 -1.45
C ASN C 25 15.36 -11.14 -0.70
N THR C 26 16.48 -11.02 -1.40
CA THR C 26 17.79 -11.17 -0.77
C THR C 26 18.15 -10.01 0.15
N GLY C 27 17.42 -8.91 0.04
CA GLY C 27 17.54 -7.82 0.95
C GLY C 27 16.72 -7.90 2.24
N ALA C 28 16.08 -9.03 2.48
CA ALA C 28 15.33 -9.25 3.71
C ALA C 28 15.97 -10.36 4.53
N ASP C 29 16.21 -10.09 5.81
CA ASP C 29 16.75 -11.12 6.71
C ASP C 29 15.72 -12.23 6.92
N ASP C 30 14.46 -11.80 7.03
CA ASP C 30 13.34 -12.61 7.51
C ASP C 30 12.23 -12.67 6.48
N THR C 31 11.36 -13.66 6.59
CA THR C 31 10.19 -13.84 5.75
C THR C 31 8.98 -13.18 6.43
N VAL C 32 8.27 -12.33 5.71
CA VAL C 32 7.12 -11.63 6.28
C VAL C 32 5.95 -11.68 5.33
N LEU C 33 4.80 -12.09 5.84
CA LEU C 33 3.59 -12.21 5.05
C LEU C 33 2.55 -11.25 5.57
N GLU C 34 1.64 -10.88 4.66
N GLU C 34 1.64 -10.88 4.66
CA GLU C 34 0.52 -10.02 4.99
CA GLU C 34 0.50 -10.04 4.99
C GLU C 34 -0.42 -10.70 5.99
C GLU C 34 -0.38 -10.70 6.05
N GLU C 35 -1.20 -9.89 6.68
N GLU C 35 -1.17 -9.88 6.72
CA GLU C 35 -2.08 -10.35 7.74
CA GLU C 35 -2.04 -10.34 7.79
C GLU C 35 -2.79 -11.65 7.37
C GLU C 35 -2.76 -11.60 7.38
N MET C 36 -2.60 -12.66 8.21
N MET C 36 -2.65 -12.61 8.22
CA MET C 36 -3.28 -13.95 8.11
CA MET C 36 -3.34 -13.87 8.06
C MET C 36 -3.26 -14.61 9.49
C MET C 36 -3.31 -14.53 9.44
N ASN C 37 -3.98 -15.72 9.65
N ASN C 37 -4.17 -15.52 9.64
CA ASN C 37 -4.17 -16.29 10.98
CA ASN C 37 -4.12 -16.28 10.86
C ASN C 37 -3.53 -17.65 11.23
C ASN C 37 -3.25 -17.51 10.72
N LEU C 38 -2.23 -17.64 11.51
N LEU C 38 -2.35 -17.67 11.68
CA LEU C 38 -1.49 -18.87 11.70
CA LEU C 38 -1.54 -18.86 11.74
C LEU C 38 -1.73 -19.44 13.10
C LEU C 38 -1.72 -19.44 13.13
N PRO C 39 -1.65 -20.77 13.25
CA PRO C 39 -1.78 -21.37 14.59
C PRO C 39 -0.49 -21.33 15.40
N GLY C 40 -0.64 -21.44 16.72
CA GLY C 40 0.50 -21.57 17.61
C GLY C 40 0.80 -20.32 18.40
N LYS C 41 1.82 -20.42 19.26
CA LYS C 41 2.28 -19.31 20.05
C LYS C 41 3.02 -18.41 19.10
N TRP C 42 2.88 -17.11 19.29
CA TRP C 42 3.65 -16.15 18.53
C TRP C 42 4.24 -15.14 19.49
N LYS C 43 5.30 -14.47 19.03
CA LYS C 43 5.96 -13.45 19.82
C LYS C 43 5.94 -12.13 19.03
N PRO C 44 5.67 -11.02 19.71
CA PRO C 44 5.76 -9.73 19.02
C PRO C 44 7.19 -9.37 18.65
N LYS C 45 7.40 -8.84 17.44
CA LYS C 45 8.71 -8.39 17.01
C LYS C 45 8.59 -7.14 16.18
N MET C 46 9.67 -6.38 16.06
CA MET C 46 9.76 -5.26 15.11
C MET C 46 10.72 -5.58 14.01
N ILE C 47 10.36 -5.19 12.80
CA ILE C 47 11.26 -5.29 11.66
C ILE C 47 11.33 -3.94 10.97
N GLY C 48 12.50 -3.63 10.45
CA GLY C 48 12.78 -2.32 9.92
C GLY C 48 13.16 -2.39 8.46
N GLY C 49 12.93 -1.30 7.76
N GLY C 49 12.87 -1.30 7.76
CA GLY C 49 13.40 -1.21 6.40
CA GLY C 49 13.21 -1.18 6.37
C GLY C 49 13.38 0.21 5.92
C GLY C 49 13.31 0.24 5.91
N VAL C 50 13.30 0.37 4.61
N VAL C 50 13.14 0.44 4.63
CA VAL C 50 13.15 1.66 4.03
CA VAL C 50 13.28 1.73 4.02
C VAL C 50 11.85 2.24 4.58
C VAL C 50 12.56 2.95 4.64
N GLY C 51 11.92 3.44 5.12
N GLY C 51 11.36 2.85 4.98
CA GLY C 51 10.73 4.18 5.52
CA GLY C 51 10.62 4.01 5.49
C GLY C 51 10.35 4.06 6.97
C GLY C 51 10.37 3.94 6.96
N GLY C 52 10.87 3.04 7.66
N GLY C 52 10.87 2.95 7.64
CA GLY C 52 10.50 2.86 9.06
CA GLY C 52 10.57 2.83 9.06
C GLY C 52 10.39 1.41 9.44
C GLY C 52 10.41 1.38 9.46
N PHE C 53 9.74 1.15 10.58
CA PHE C 53 9.58 -0.20 11.12
C PHE C 53 8.10 -0.54 11.21
N ILE C 54 7.83 -1.83 11.21
CA ILE C 54 6.50 -2.33 11.52
C ILE C 54 6.58 -3.40 12.58
N LYS C 55 5.52 -3.50 13.35
CA LYS C 55 5.34 -4.55 14.32
C LYS C 55 4.68 -5.76 13.69
N VAL C 56 5.23 -6.93 13.98
CA VAL C 56 4.77 -8.18 13.38
C VAL C 56 4.64 -9.24 14.47
N ARG C 57 4.03 -10.35 14.10
CA ARG C 57 3.93 -11.54 14.96
C ARG C 57 4.83 -12.60 14.37
N GLN C 58 5.71 -13.13 15.22
CA GLN C 58 6.65 -14.18 14.81
C GLN C 58 6.14 -15.56 15.22
N TYR C 59 5.97 -16.39 14.19
CA TYR C 59 5.59 -17.79 14.35
C TYR C 59 6.76 -18.66 13.97
N ASP C 60 7.12 -19.60 14.84
CA ASP C 60 8.25 -20.47 14.55
C ASP C 60 7.80 -21.82 13.95
N GLN C 61 8.71 -22.44 13.21
CA GLN C 61 8.50 -23.75 12.58
C GLN C 61 7.15 -23.90 11.84
N ILE C 62 6.93 -23.01 10.89
CA ILE C 62 5.78 -23.03 10.00
C ILE C 62 6.19 -23.66 8.67
N PRO C 63 5.43 -24.68 8.23
CA PRO C 63 5.71 -25.25 6.92
C PRO C 63 5.18 -24.37 5.77
N ILE C 64 6.00 -24.22 4.73
N ILE C 64 6.05 -24.16 4.77
CA ILE C 64 5.63 -23.42 3.57
CA ILE C 64 5.68 -23.42 3.57
C ILE C 64 6.28 -24.07 2.35
C ILE C 64 6.25 -24.18 2.37
N GLU C 65 5.53 -24.17 1.26
CA GLU C 65 6.01 -24.72 0.01
C GLU C 65 6.35 -23.58 -0.96
N ILE C 66 7.61 -23.53 -1.41
CA ILE C 66 8.11 -22.47 -2.28
C ILE C 66 8.84 -23.12 -3.46
N CYS C 67 8.32 -22.94 -4.67
CA CYS C 67 8.95 -23.42 -5.90
C CYS C 67 9.21 -24.93 -5.86
N GLY C 68 8.26 -25.69 -5.30
CA GLY C 68 8.38 -27.14 -5.18
C GLY C 68 9.22 -27.61 -4.01
N HIS C 69 9.82 -26.66 -3.27
CA HIS C 69 10.59 -26.98 -2.09
C HIS C 69 9.71 -26.84 -0.87
N LYS C 70 9.62 -27.91 -0.09
CA LYS C 70 8.89 -27.88 1.16
C LYS C 70 9.84 -27.54 2.30
N VAL C 71 9.66 -26.37 2.91
CA VAL C 71 10.58 -25.90 3.95
C VAL C 71 9.81 -25.61 5.24
N ILE C 72 10.54 -25.51 6.34
CA ILE C 72 9.97 -25.26 7.66
C ILE C 72 10.80 -24.17 8.31
N GLY C 73 10.16 -23.07 8.71
CA GLY C 73 10.91 -22.00 9.30
C GLY C 73 10.07 -20.93 9.93
N THR C 74 10.75 -19.88 10.35
CA THR C 74 10.10 -18.77 11.01
C THR C 74 9.39 -17.92 10.00
N VAL C 75 8.16 -17.54 10.33
CA VAL C 75 7.35 -16.68 9.48
C VAL C 75 6.83 -15.54 10.32
N LEU C 76 7.03 -14.32 9.84
CA LEU C 76 6.54 -13.14 10.49
C LEU C 76 5.26 -12.73 9.77
N VAL C 77 4.28 -12.25 10.52
CA VAL C 77 3.01 -11.79 9.96
C VAL C 77 2.72 -10.37 10.39
N GLY C 78 2.40 -9.50 9.44
CA GLY C 78 2.13 -8.13 9.79
C GLY C 78 1.92 -7.26 8.58
N PRO C 79 1.89 -5.94 8.78
CA PRO C 79 1.54 -5.00 7.71
C PRO C 79 2.67 -4.71 6.71
N THR C 80 3.17 -5.78 6.11
CA THR C 80 4.10 -5.64 5.02
C THR C 80 3.32 -5.29 3.76
N PRO C 81 3.87 -4.43 2.91
CA PRO C 81 3.16 -4.07 1.69
C PRO C 81 3.02 -5.20 0.68
N VAL C 82 3.98 -6.13 0.70
N VAL C 82 3.96 -6.14 0.72
CA VAL C 82 3.94 -7.31 -0.15
CA VAL C 82 3.99 -7.29 -0.18
C VAL C 82 4.46 -8.50 0.64
C VAL C 82 4.49 -8.49 0.61
N ASN C 83 4.03 -9.71 0.27
CA ASN C 83 4.60 -10.93 0.88
C ASN C 83 6.06 -11.09 0.44
N ILE C 84 6.94 -11.34 1.41
CA ILE C 84 8.37 -11.35 1.23
C ILE C 84 8.95 -12.66 1.71
N ILE C 85 9.68 -13.33 0.83
CA ILE C 85 10.48 -14.48 1.21
C ILE C 85 11.91 -13.99 1.44
N GLY C 86 12.35 -14.01 2.70
CA GLY C 86 13.65 -13.52 3.08
C GLY C 86 14.69 -14.60 3.19
N ARG C 87 15.89 -14.21 3.58
CA ARG C 87 17.05 -15.07 3.57
C ARG C 87 16.88 -16.33 4.41
N ASN C 88 16.14 -16.23 5.52
CA ASN C 88 15.91 -17.41 6.35
C ASN C 88 15.28 -18.57 5.56
N LEU C 89 14.39 -18.29 4.62
CA LEU C 89 13.79 -19.35 3.80
C LEU C 89 14.52 -19.54 2.47
N LEU C 90 15.10 -18.48 1.91
CA LEU C 90 15.86 -18.62 0.66
C LEU C 90 17.00 -19.64 0.81
N THR C 91 17.66 -19.61 1.96
CA THR C 91 18.71 -20.56 2.24
C THR C 91 18.16 -21.98 2.32
N GLN C 92 16.96 -22.14 2.87
CA GLN C 92 16.40 -23.51 2.98
C GLN C 92 16.05 -24.14 1.64
N ILE C 93 15.73 -23.34 0.64
CA ILE C 93 15.40 -23.87 -0.67
C ILE C 93 16.65 -23.95 -1.56
N GLY C 94 17.81 -23.60 -0.99
CA GLY C 94 19.09 -23.71 -1.68
C GLY C 94 19.42 -22.52 -2.59
N CYS C 95 18.77 -21.37 -2.37
CA CYS C 95 18.89 -20.23 -3.29
C CYS C 95 20.21 -19.47 -3.10
N THR C 96 20.92 -19.22 -4.20
CA THR C 96 22.12 -18.39 -4.19
C THR C 96 21.95 -17.24 -5.20
N LEU C 97 22.74 -16.20 -5.03
CA LEU C 97 22.86 -15.11 -6.00
C LEU C 97 24.08 -15.40 -6.82
N ASN C 98 23.91 -15.39 -8.13
CA ASN C 98 24.97 -15.79 -9.02
C ASN C 98 25.22 -14.75 -10.08
N PHE C 99 26.48 -14.33 -10.20
CA PHE C 99 26.89 -13.49 -11.33
C PHE C 99 28.37 -13.66 -11.64
N PRO D 1 30.68 -14.74 -8.89
CA PRO D 1 30.63 -15.60 -7.71
C PRO D 1 29.25 -16.20 -7.48
N GLN D 2 29.20 -17.22 -6.63
CA GLN D 2 27.95 -17.79 -6.18
C GLN D 2 27.84 -17.41 -4.72
N ILE D 3 26.91 -16.51 -4.42
CA ILE D 3 26.87 -15.88 -3.13
C ILE D 3 25.79 -16.56 -2.30
N THR D 4 26.19 -17.10 -1.15
N THR D 4 26.20 -17.02 -1.13
CA THR D 4 25.24 -17.76 -0.26
CA THR D 4 25.32 -17.72 -0.24
C THR D 4 24.53 -16.70 0.55
C THR D 4 24.55 -16.69 0.58
N LEU D 5 23.39 -17.06 1.12
CA LEU D 5 22.54 -16.08 1.77
C LEU D 5 22.38 -16.26 3.27
N TRP D 6 23.40 -16.82 3.91
CA TRP D 6 23.40 -16.99 5.36
C TRP D 6 23.73 -15.71 6.09
N LYS D 7 24.44 -14.80 5.42
CA LYS D 7 24.60 -13.46 5.94
C LYS D 7 24.16 -12.51 4.83
N ARG D 8 24.04 -11.24 5.18
CA ARG D 8 23.64 -10.24 4.21
C ARG D 8 24.64 -10.22 3.06
N PRO D 9 24.15 -10.21 1.80
CA PRO D 9 25.07 -10.18 0.65
C PRO D 9 25.60 -8.78 0.36
N LEU D 10 26.64 -8.39 1.09
CA LEU D 10 27.29 -7.10 0.95
C LEU D 10 28.48 -7.20 0.03
N VAL D 11 28.61 -6.21 -0.84
CA VAL D 11 29.72 -6.14 -1.77
C VAL D 11 30.34 -4.75 -1.74
N THR D 12 31.50 -4.62 -2.37
CA THR D 12 32.09 -3.32 -2.58
C THR D 12 31.52 -2.67 -3.86
N ILE D 13 31.19 -1.40 -3.76
CA ILE D 13 30.89 -0.59 -4.92
C ILE D 13 31.83 0.62 -4.96
N ARG D 14 32.01 1.16 -6.16
N ARG D 14 32.02 1.16 -6.16
CA ARG D 14 32.80 2.38 -6.36
CA ARG D 14 32.79 2.38 -6.34
C ARG D 14 31.95 3.34 -7.17
C ARG D 14 31.94 3.34 -7.16
N ILE D 15 31.77 4.55 -6.66
CA ILE D 15 30.98 5.55 -7.35
C ILE D 15 31.65 6.89 -7.16
N GLY D 16 31.91 7.57 -8.28
CA GLY D 16 32.62 8.86 -8.26
C GLY D 16 33.96 8.76 -7.55
N GLY D 17 34.61 7.60 -7.67
CA GLY D 17 35.87 7.35 -7.01
C GLY D 17 35.82 6.93 -5.55
N GLN D 18 34.62 6.87 -4.96
N GLN D 18 34.62 6.89 -4.96
CA GLN D 18 34.46 6.51 -3.57
CA GLN D 18 34.39 6.54 -3.55
C GLN D 18 34.08 5.06 -3.40
C GLN D 18 34.06 5.06 -3.40
N LEU D 19 34.72 4.38 -2.46
CA LEU D 19 34.37 2.99 -2.14
C LEU D 19 33.31 2.97 -1.04
N LYS D 20 32.31 2.13 -1.24
CA LYS D 20 31.24 1.93 -0.26
C LYS D 20 30.87 0.46 -0.21
N GLU D 21 30.18 0.07 0.85
CA GLU D 21 29.59 -1.25 0.92
C GLU D 21 28.12 -1.13 0.54
N ALA D 22 27.61 -2.14 -0.15
CA ALA D 22 26.22 -2.12 -0.56
C ALA D 22 25.62 -3.51 -0.56
N LEU D 23 24.31 -3.56 -0.39
CA LEU D 23 23.56 -4.79 -0.25
C LEU D 23 22.94 -5.22 -1.58
N LEU D 24 23.20 -6.43 -2.04
CA LEU D 24 22.61 -6.93 -3.26
C LEU D 24 21.17 -7.33 -2.96
N ASN D 25 20.20 -6.58 -3.53
CA ASN D 25 18.80 -6.64 -3.08
C ASN D 25 17.81 -6.94 -4.18
N THR D 26 17.46 -8.21 -4.33
CA THR D 26 16.47 -8.61 -5.34
C THR D 26 15.07 -8.10 -5.02
N GLY D 27 14.83 -7.64 -3.80
CA GLY D 27 13.57 -7.05 -3.42
C GLY D 27 13.49 -5.57 -3.63
N ALA D 28 14.47 -5.00 -4.33
CA ALA D 28 14.45 -3.57 -4.66
C ALA D 28 14.41 -3.41 -6.15
N ASP D 29 13.47 -2.59 -6.64
CA ASP D 29 13.42 -2.32 -8.07
C ASP D 29 14.64 -1.52 -8.52
N ASP D 30 15.06 -0.62 -7.65
CA ASP D 30 16.00 0.45 -7.95
C ASP D 30 17.17 0.42 -6.97
N THR D 31 18.28 1.01 -7.39
CA THR D 31 19.47 1.21 -6.58
C THR D 31 19.36 2.53 -5.83
N VAL D 32 19.56 2.46 -4.51
CA VAL D 32 19.45 3.65 -3.68
C VAL D 32 20.62 3.67 -2.71
N LEU D 33 21.28 4.83 -2.68
CA LEU D 33 22.46 5.06 -1.86
C LEU D 33 22.18 6.09 -0.80
N GLU D 34 22.88 5.93 0.30
CA GLU D 34 22.81 6.87 1.41
C GLU D 34 23.23 8.25 0.93
N GLU D 35 22.77 9.28 1.65
CA GLU D 35 23.03 10.66 1.31
C GLU D 35 24.47 10.89 0.86
N MET D 36 24.60 11.51 -0.32
CA MET D 36 25.87 11.80 -0.95
C MET D 36 25.61 12.81 -2.06
N ASN D 37 26.68 13.41 -2.55
CA ASN D 37 26.58 14.35 -3.66
C ASN D 37 26.91 13.66 -4.97
N LEU D 38 26.08 13.87 -5.98
CA LEU D 38 26.35 13.39 -7.33
C LEU D 38 26.18 14.54 -8.32
N PRO D 39 26.91 14.49 -9.44
CA PRO D 39 26.80 15.59 -10.40
C PRO D 39 25.60 15.47 -11.32
N GLY D 40 25.19 16.60 -11.85
CA GLY D 40 24.18 16.61 -12.87
C GLY D 40 22.78 16.83 -12.36
N LYS D 41 21.85 16.79 -13.28
CA LYS D 41 20.49 17.06 -12.95
C LYS D 41 19.92 15.86 -12.27
N TRP D 42 18.89 16.11 -11.48
CA TRP D 42 18.15 15.06 -10.81
C TRP D 42 16.70 15.47 -10.68
N LYS D 43 15.85 14.50 -10.40
CA LYS D 43 14.45 14.78 -10.14
C LYS D 43 14.01 14.03 -8.90
N PRO D 44 13.10 14.64 -8.12
CA PRO D 44 12.63 13.97 -6.92
C PRO D 44 11.66 12.84 -7.27
N LYS D 45 11.78 11.76 -6.50
CA LYS D 45 10.93 10.57 -6.63
C LYS D 45 10.60 10.03 -5.26
N MET D 46 9.48 9.32 -5.21
CA MET D 46 9.10 8.59 -4.01
C MET D 46 9.27 7.09 -4.20
N ILE D 47 9.75 6.44 -3.15
N ILE D 47 9.81 6.43 -3.19
CA ILE D 47 9.97 5.02 -3.15
CA ILE D 47 9.96 4.98 -3.23
C ILE D 47 9.32 4.41 -1.93
C ILE D 47 9.38 4.36 -1.95
N GLY D 48 8.67 3.25 -2.11
CA GLY D 48 7.97 2.61 -1.02
C GLY D 48 8.79 1.47 -0.48
N GLY D 49 8.75 1.30 0.84
N GLY D 49 8.76 1.29 0.84
CA GLY D 49 9.45 0.25 1.54
CA GLY D 49 9.41 0.18 1.50
C GLY D 49 8.55 -0.44 2.56
C GLY D 49 8.51 -0.45 2.54
N VAL D 50 9.15 -1.29 3.37
N VAL D 50 9.07 -1.40 3.28
CA VAL D 50 8.42 -2.11 4.30
CA VAL D 50 8.40 -1.94 4.43
C VAL D 50 7.76 -1.27 5.38
C VAL D 50 8.37 -0.80 5.43
N GLY D 51 8.34 -0.12 5.70
N GLY D 51 7.20 -0.51 5.98
CA GLY D 51 7.94 0.68 6.85
CA GLY D 51 7.10 0.51 7.01
C GLY D 51 7.28 2.01 6.49
C GLY D 51 7.00 1.96 6.56
N GLY D 52 7.23 2.30 5.19
N GLY D 52 7.05 2.23 5.25
CA GLY D 52 6.71 3.57 4.71
CA GLY D 52 6.79 3.58 4.77
C GLY D 52 7.49 3.95 3.46
C GLY D 52 7.52 3.95 3.47
N PHE D 53 7.35 5.21 3.05
CA PHE D 53 8.00 5.73 1.84
C PHE D 53 9.10 6.71 2.20
N ILE D 54 10.05 6.86 1.29
CA ILE D 54 11.05 7.92 1.37
C ILE D 54 11.08 8.72 0.09
N LYS D 55 11.45 10.00 0.20
CA LYS D 55 11.71 10.83 -0.97
C LYS D 55 13.20 10.76 -1.28
N VAL D 56 13.50 10.57 -2.58
CA VAL D 56 14.87 10.46 -3.06
C VAL D 56 15.14 11.39 -4.24
N ARG D 57 16.42 11.58 -4.56
CA ARG D 57 16.84 12.29 -5.75
C ARG D 57 17.26 11.25 -6.77
N GLN D 58 16.68 11.33 -7.95
CA GLN D 58 16.97 10.37 -9.02
C GLN D 58 18.00 10.96 -9.98
N TYR D 59 19.15 10.30 -10.10
CA TYR D 59 20.21 10.69 -11.03
C TYR D 59 20.28 9.65 -12.13
N ASP D 60 20.30 10.10 -13.39
CA ASP D 60 20.30 9.15 -14.50
C ASP D 60 21.69 8.92 -15.07
N GLN D 61 21.89 7.74 -15.64
N GLN D 61 21.91 7.75 -15.64
CA GLN D 61 23.12 7.37 -16.36
CA GLN D 61 23.15 7.44 -16.37
C GLN D 61 24.40 7.68 -15.56
C GLN D 61 24.42 7.70 -15.55
N ILE D 62 24.43 7.19 -14.33
CA ILE D 62 25.60 7.31 -13.45
C ILE D 62 26.44 6.06 -13.54
N PRO D 63 27.76 6.23 -13.78
CA PRO D 63 28.64 5.06 -13.77
C PRO D 63 28.94 4.62 -12.34
N ILE D 64 28.89 3.32 -12.11
CA ILE D 64 29.10 2.73 -10.80
C ILE D 64 29.79 1.38 -11.04
N GLU D 65 30.71 1.01 -10.16
N GLU D 65 30.76 1.04 -10.18
CA GLU D 65 31.41 -0.25 -10.26
CA GLU D 65 31.40 -0.27 -10.21
C GLU D 65 30.89 -1.13 -9.12
C GLU D 65 30.79 -1.11 -9.11
N ILE D 66 30.42 -2.33 -9.43
CA ILE D 66 29.86 -3.24 -8.43
C ILE D 66 30.72 -4.48 -8.48
N CYS D 67 31.40 -4.79 -7.38
CA CYS D 67 32.39 -5.88 -7.39
C CYS D 67 33.27 -5.81 -8.60
N GLY D 68 33.71 -4.60 -8.92
CA GLY D 68 34.61 -4.42 -10.05
C GLY D 68 33.95 -4.41 -11.43
N HIS D 69 32.66 -4.77 -11.55
CA HIS D 69 31.92 -4.68 -12.83
C HIS D 69 31.51 -3.23 -13.09
N LYS D 70 31.89 -2.67 -14.22
CA LYS D 70 31.60 -1.26 -14.52
C LYS D 70 30.29 -1.15 -15.28
N VAL D 71 29.29 -0.55 -14.64
CA VAL D 71 27.95 -0.43 -15.19
C VAL D 71 27.51 1.03 -15.12
N ILE D 72 26.36 1.33 -15.71
CA ILE D 72 25.88 2.71 -15.80
C ILE D 72 24.36 2.66 -15.72
N GLY D 73 23.77 3.39 -14.79
CA GLY D 73 22.35 3.34 -14.66
C GLY D 73 21.81 4.37 -13.73
N THR D 74 20.52 4.25 -13.45
CA THR D 74 19.86 5.16 -12.53
C THR D 74 20.29 4.90 -11.09
N VAL D 75 20.65 5.97 -10.38
CA VAL D 75 21.01 5.89 -8.97
C VAL D 75 20.11 6.87 -8.20
N LEU D 76 19.43 6.35 -7.19
CA LEU D 76 18.64 7.13 -6.29
C LEU D 76 19.48 7.46 -5.05
N VAL D 77 19.31 8.64 -4.49
CA VAL D 77 20.03 9.06 -3.30
C VAL D 77 19.02 9.57 -2.31
N GLY D 78 19.08 9.05 -1.09
CA GLY D 78 18.17 9.52 -0.03
C GLY D 78 18.31 8.72 1.22
N PRO D 79 17.33 8.86 2.14
CA PRO D 79 17.44 8.30 3.48
C PRO D 79 17.16 6.79 3.53
N THR D 80 17.95 6.03 2.77
CA THR D 80 17.95 4.57 2.87
C THR D 80 18.79 4.16 4.09
N PRO D 81 18.35 3.12 4.83
CA PRO D 81 19.14 2.64 5.97
C PRO D 81 20.52 2.10 5.58
N VAL D 82 20.63 1.55 4.37
CA VAL D 82 21.87 0.90 3.91
C VAL D 82 21.94 1.15 2.41
N ASN D 83 23.14 1.20 1.85
CA ASN D 83 23.28 1.28 0.40
C ASN D 83 22.72 0.00 -0.23
N ILE D 84 21.88 0.18 -1.24
CA ILE D 84 21.14 -0.91 -1.87
C ILE D 84 21.38 -0.94 -3.36
N ILE D 85 21.82 -2.10 -3.83
CA ILE D 85 21.89 -2.37 -5.26
C ILE D 85 20.62 -3.12 -5.63
N GLY D 86 19.78 -2.48 -6.45
CA GLY D 86 18.51 -3.06 -6.87
C GLY D 86 18.57 -3.68 -8.24
N ARG D 87 17.43 -4.17 -8.67
CA ARG D 87 17.37 -4.96 -9.90
C ARG D 87 17.86 -4.23 -11.12
N ASN D 88 17.68 -2.91 -11.19
CA ASN D 88 18.18 -2.20 -12.35
C ASN D 88 19.67 -2.43 -12.60
N LEU D 89 20.46 -2.56 -11.55
CA LEU D 89 21.88 -2.82 -11.70
C LEU D 89 22.26 -4.28 -11.50
N LEU D 90 21.47 -5.02 -10.72
CA LEU D 90 21.72 -6.47 -10.63
C LEU D 90 21.61 -7.11 -12.02
N THR D 91 20.66 -6.66 -12.82
CA THR D 91 20.55 -7.20 -14.18
C THR D 91 21.78 -6.86 -15.01
N GLN D 92 22.34 -5.67 -14.82
CA GLN D 92 23.50 -5.27 -15.61
C GLN D 92 24.75 -6.12 -15.34
N ILE D 93 24.88 -6.65 -14.15
CA ILE D 93 26.05 -7.49 -13.81
C ILE D 93 25.73 -8.96 -14.04
N GLY D 94 24.54 -9.25 -14.56
CA GLY D 94 24.20 -10.62 -14.97
C GLY D 94 23.79 -11.51 -13.82
N CYS D 95 23.17 -10.90 -12.81
N CYS D 95 23.16 -10.91 -12.82
CA CYS D 95 22.69 -11.65 -11.64
CA CYS D 95 22.80 -11.65 -11.62
C CYS D 95 21.49 -12.48 -11.94
C CYS D 95 21.49 -12.41 -11.78
N THR D 96 21.50 -13.68 -11.37
CA THR D 96 20.31 -14.50 -11.33
C THR D 96 20.15 -15.03 -9.91
N LEU D 97 18.93 -15.44 -9.57
CA LEU D 97 18.65 -16.24 -8.39
C LEU D 97 18.63 -17.71 -8.80
N ASN D 98 19.46 -18.52 -8.15
CA ASN D 98 19.65 -19.91 -8.54
C ASN D 98 19.27 -20.84 -7.41
N PHE D 99 18.40 -21.79 -7.70
CA PHE D 99 18.11 -22.85 -6.74
C PHE D 99 17.64 -24.10 -7.47
N ARG E 1 -13.38 -1.61 -13.01
CA ARG E 1 -14.08 -1.49 -11.71
C ARG E 1 -14.08 -0.01 -11.26
N PRO E 2 -15.19 0.44 -10.67
CA PRO E 2 -15.09 1.75 -10.00
C PRO E 2 -14.14 1.68 -8.81
N GLY E 3 -13.70 2.83 -8.33
CA GLY E 3 -12.65 2.89 -7.35
C GLY E 3 -12.67 4.01 -6.33
N ASN E 4 -13.66 4.88 -6.37
CA ASN E 4 -13.74 5.96 -5.38
C ASN E 4 -15.04 5.93 -4.62
N PHE E 5 -15.03 5.38 -3.42
CA PHE E 5 -16.26 5.16 -2.68
C PHE E 5 -16.53 6.17 -1.58
N PHE E 6 -16.18 7.42 -1.81
CA PHE E 6 -16.67 8.52 -1.00
C PHE E 6 -18.19 8.39 -0.83
N GLN E 7 -18.69 8.60 0.36
CA GLN E 7 -20.13 8.59 0.59
C GLN E 7 -20.49 9.64 1.63
N SER E 8 -21.54 10.38 1.34
CA SER E 8 -22.04 11.45 2.22
C SER E 8 -23.47 11.23 2.65
N ARG E 9 -23.68 11.43 3.95
CA ARG E 9 -25.00 11.34 4.52
C ARG E 9 -25.94 12.39 3.91
N PRO E 10 -27.25 12.18 4.02
N PRO E 10 -27.26 12.18 4.05
CA PRO E 10 -28.20 13.15 3.50
CA PRO E 10 -28.24 13.14 3.59
C PRO E 10 -27.97 14.56 4.04
C PRO E 10 -28.04 14.54 4.18
N PRO F 2 17.33 -6.61 12.14
CA PRO F 2 16.09 -7.23 11.71
C PRO F 2 15.56 -6.46 10.51
N GLY F 3 16.29 -6.57 9.40
CA GLY F 3 16.16 -5.66 8.32
C GLY F 3 15.53 -6.19 7.05
N ASN F 4 14.62 -5.44 6.53
CA ASN F 4 13.94 -5.82 5.32
C ASN F 4 13.94 -4.70 4.30
N PHE F 5 14.84 -4.76 3.36
CA PHE F 5 14.96 -3.63 2.48
C PHE F 5 14.23 -3.77 1.16
N PHE F 6 13.04 -4.34 1.20
CA PHE F 6 12.08 -4.17 0.11
C PHE F 6 12.00 -2.70 -0.38
N GLN F 7 12.07 -2.53 -1.66
CA GLN F 7 11.93 -1.19 -2.21
C GLN F 7 11.14 -1.16 -3.54
N SER F 8 10.16 -0.30 -3.63
CA SER F 8 9.26 -0.31 -4.76
C SER F 8 9.14 1.03 -5.44
N ARG F 9 9.06 1.03 -6.77
CA ARG F 9 8.62 2.20 -7.50
C ARG F 9 7.14 2.35 -7.17
#